data_7RFQ
#
_entry.id   7RFQ
#
_cell.length_a   94.670
_cell.length_b   64.550
_cell.length_c   42.630
_cell.angle_alpha   90.000
_cell.angle_beta   113.260
_cell.angle_gamma   90.000
#
_symmetry.space_group_name_H-M   'C 1 2 1'
#
loop_
_entity.id
_entity.type
_entity.pdbx_description
1 polymer 'BETA CELL EXPANSION FACTOR A (BEFA)'
2 non-polymer 'CITRIC ACID'
3 water water
#
_entity_poly.entity_id   1
_entity_poly.type   'polypeptide(L)'
_entity_poly.pdbx_seq_one_letter_code
;MMNKRNWLLALSLSLAFSPCYADWAKLKAAASDLGAAVSETSKEVWQDVSDFSKKSWASISAWGEEAFNTAGVWTDKSIA
TGKEWLKAADKELNEMLNPKTAKEARIAINTMADTALIRLFNEQPSAKLLFDKAYGYAVFDSRKFSLMLHTNQGAGVAVN
RKTGKHTYMKMFGAGLAAGIGGKFYQQVILFEDKARFDAFVTQGWEATSEVGVVAGKESAELTAKYNGGMAIYQIGEKGL
LLDANISGSKYWIDKDLTETSRLEHHHHHH
;
_entity_poly.pdbx_strand_id   A
#
loop_
_chem_comp.id
_chem_comp.type
_chem_comp.name
_chem_comp.formula
CIT non-polymer 'CITRIC ACID' 'C6 H8 O7'
#
# COMPACT_ATOMS: atom_id res chain seq x y z
N ALA A 37 -18.50 -4.44 -39.86
CA ALA A 37 -17.56 -4.28 -40.94
C ALA A 37 -16.43 -3.36 -40.46
N VAL A 38 -15.72 -2.73 -41.40
CA VAL A 38 -14.54 -1.95 -41.07
C VAL A 38 -14.84 -0.72 -40.24
N SER A 39 -15.94 -0.03 -40.53
CA SER A 39 -16.33 1.14 -39.77
C SER A 39 -16.43 0.78 -38.29
N GLU A 40 -17.10 -0.34 -38.00
CA GLU A 40 -17.30 -0.85 -36.65
C GLU A 40 -16.08 -1.40 -35.98
N THR A 41 -15.28 -2.19 -36.69
CA THR A 41 -14.06 -2.73 -36.10
C THR A 41 -13.07 -1.58 -35.87
N SER A 42 -13.10 -0.61 -36.76
CA SER A 42 -12.20 0.53 -36.62
C SER A 42 -12.49 1.23 -35.31
N LYS A 43 -13.77 1.47 -35.05
CA LYS A 43 -14.20 2.12 -33.82
C LYS A 43 -13.80 1.25 -32.64
N GLU A 44 -13.77 -0.06 -32.87
CA GLU A 44 -13.40 -1.01 -31.83
C GLU A 44 -11.92 -0.86 -31.52
N VAL A 45 -11.12 -0.65 -32.57
CA VAL A 45 -9.68 -0.47 -32.41
C VAL A 45 -9.37 0.71 -31.50
N TRP A 46 -10.00 1.84 -31.76
CA TRP A 46 -9.75 3.02 -30.92
C TRP A 46 -10.23 2.77 -29.51
N GLN A 47 -11.43 2.19 -29.40
CA GLN A 47 -12.10 2.03 -28.11
C GLN A 47 -11.38 0.98 -27.29
N ASP A 48 -11.02 -0.13 -27.91
N ASP A 48 -11.05 -0.14 -27.91
CA ASP A 48 -10.41 -1.23 -27.17
CA ASP A 48 -10.39 -1.21 -27.18
C ASP A 48 -8.92 -1.00 -26.92
C ASP A 48 -8.97 -0.82 -26.82
N VAL A 49 -8.32 -0.18 -27.76
CA VAL A 49 -6.91 0.05 -27.54
C VAL A 49 -6.76 1.07 -26.42
N SER A 50 -7.69 2.00 -26.39
CA SER A 50 -7.82 3.05 -25.36
C SER A 50 -8.34 2.52 -23.98
N ASP A 51 -9.33 1.61 -23.99
N ASP A 51 -9.46 1.81 -24.01
CA ASP A 51 -10.14 1.32 -22.79
CA ASP A 51 -10.07 1.21 -22.84
C ASP A 51 -10.24 -0.15 -22.31
C ASP A 51 -9.59 -0.23 -22.77
N PHE A 52 -9.96 -1.12 -23.19
N PHE A 52 -10.50 -1.18 -22.95
CA PHE A 52 -10.18 -2.53 -22.85
CA PHE A 52 -10.21 -2.61 -22.79
C PHE A 52 -9.36 -2.97 -21.63
C PHE A 52 -9.39 -2.90 -21.54
N SER A 53 -8.21 -2.39 -21.46
CA SER A 53 -7.28 -2.59 -20.37
C SER A 53 -7.90 -2.13 -19.04
N LYS A 54 -8.48 -0.94 -19.05
CA LYS A 54 -9.07 -0.40 -17.83
CA LYS A 54 -9.09 -0.38 -17.84
C LYS A 54 -10.27 -1.23 -17.44
N LYS A 55 -11.02 -1.70 -18.43
CA LYS A 55 -12.21 -2.51 -18.17
C LYS A 55 -11.80 -3.88 -17.62
N SER A 56 -10.72 -4.43 -18.16
CA SER A 56 -10.22 -5.71 -17.68
C SER A 56 -9.76 -5.58 -16.21
N TRP A 57 -9.00 -4.54 -15.90
CA TRP A 57 -8.59 -4.34 -14.52
C TRP A 57 -9.81 -4.14 -13.62
N ALA A 58 -10.80 -3.37 -14.07
CA ALA A 58 -11.98 -3.10 -13.27
C ALA A 58 -12.77 -4.38 -12.96
N SER A 59 -12.62 -5.40 -13.79
CA SER A 59 -13.34 -6.64 -13.52
CA SER A 59 -13.29 -6.68 -13.56
C SER A 59 -12.72 -7.42 -12.34
N ILE A 60 -11.47 -7.14 -11.98
CA ILE A 60 -10.83 -7.86 -10.88
C ILE A 60 -10.25 -6.93 -9.80
N SER A 61 -10.38 -5.62 -9.96
CA SER A 61 -9.72 -4.69 -9.03
C SER A 61 -10.20 -4.86 -7.59
N ALA A 62 -11.45 -5.30 -7.39
CA ALA A 62 -12.05 -5.47 -6.06
C ALA A 62 -11.49 -6.65 -5.28
N TRP A 63 -10.78 -7.57 -5.94
CA TRP A 63 -10.48 -8.83 -5.28
C TRP A 63 -9.75 -8.65 -3.95
N GLY A 64 -8.73 -7.79 -3.93
CA GLY A 64 -7.93 -7.65 -2.73
C GLY A 64 -8.78 -7.21 -1.55
N GLU A 65 -9.54 -6.13 -1.73
CA GLU A 65 -10.41 -5.63 -0.67
C GLU A 65 -11.43 -6.68 -0.24
N GLU A 66 -12.05 -7.35 -1.21
CA GLU A 66 -13.04 -8.36 -0.87
C GLU A 66 -12.40 -9.45 -0.04
N ALA A 67 -11.16 -9.83 -0.37
CA ALA A 67 -10.46 -10.88 0.34
C ALA A 67 -10.07 -10.45 1.74
N PHE A 68 -9.49 -9.29 1.90
CA PHE A 68 -8.98 -8.90 3.21
C PHE A 68 -9.99 -8.36 4.18
N ASN A 69 -11.13 -7.99 3.66
CA ASN A 69 -12.26 -7.57 4.50
C ASN A 69 -13.13 -8.73 5.01
N THR A 70 -12.80 -9.94 4.64
CA THR A 70 -13.42 -11.14 5.14
C THR A 70 -12.50 -11.64 6.28
N ALA A 71 -13.01 -11.60 7.50
CA ALA A 71 -12.22 -12.03 8.66
C ALA A 71 -11.81 -13.50 8.55
N GLY A 72 -10.66 -13.82 9.12
CA GLY A 72 -10.22 -15.20 9.22
C GLY A 72 -8.80 -15.43 8.71
N VAL A 73 -8.32 -16.65 8.88
CA VAL A 73 -6.97 -17.04 8.49
C VAL A 73 -6.74 -16.86 7.00
N TRP A 74 -5.54 -16.43 6.65
CA TRP A 74 -5.11 -16.32 5.27
C TRP A 74 -4.58 -17.67 4.81
N THR A 75 -5.39 -18.39 4.05
CA THR A 75 -5.12 -19.77 3.72
C THR A 75 -4.21 -19.90 2.49
N ASP A 76 -3.75 -21.12 2.23
CA ASP A 76 -2.94 -21.38 1.04
C ASP A 76 -3.69 -20.98 -0.23
N LYS A 77 -5.00 -21.20 -0.27
CA LYS A 77 -5.79 -20.84 -1.44
C LYS A 77 -5.81 -19.33 -1.62
N SER A 78 -5.96 -18.60 -0.54
CA SER A 78 -5.92 -17.14 -0.63
C SER A 78 -4.57 -16.63 -1.08
N ILE A 79 -3.50 -17.25 -0.61
CA ILE A 79 -2.16 -16.91 -1.04
C ILE A 79 -2.03 -17.12 -2.54
N ALA A 80 -2.46 -18.28 -3.03
CA ALA A 80 -2.28 -18.58 -4.45
C ALA A 80 -3.09 -17.62 -5.30
N THR A 81 -4.33 -17.35 -4.91
CA THR A 81 -5.15 -16.44 -5.68
C THR A 81 -4.60 -15.02 -5.60
N GLY A 82 -4.11 -14.66 -4.42
CA GLY A 82 -3.47 -13.37 -4.24
C GLY A 82 -2.26 -13.16 -5.10
N LYS A 83 -1.42 -14.18 -5.25
CA LYS A 83 -0.28 -14.08 -6.15
CA LYS A 83 -0.28 -14.08 -6.15
C LYS A 83 -0.72 -13.87 -7.59
N GLU A 84 -1.76 -14.56 -8.01
CA GLU A 84 -2.28 -14.39 -9.37
C GLU A 84 -2.81 -12.95 -9.55
N TRP A 85 -3.55 -12.46 -8.56
CA TRP A 85 -4.12 -11.11 -8.60
C TRP A 85 -2.98 -10.08 -8.65
N LEU A 86 -1.95 -10.30 -7.86
CA LEU A 86 -0.81 -9.36 -7.84
C LEU A 86 -0.13 -9.24 -9.19
N LYS A 87 -0.08 -10.34 -9.95
CA LYS A 87 0.48 -10.25 -11.30
C LYS A 87 -0.22 -9.18 -12.10
N ALA A 88 -1.54 -9.23 -12.07
CA ALA A 88 -2.34 -8.27 -12.82
C ALA A 88 -2.25 -6.89 -12.19
N ALA A 89 -2.29 -6.82 -10.86
CA ALA A 89 -2.30 -5.53 -10.19
C ALA A 89 -1.00 -4.78 -10.44
N ASP A 90 0.13 -5.49 -10.46
CA ASP A 90 1.38 -4.80 -10.65
CA ASP A 90 1.42 -4.86 -10.66
C ASP A 90 1.54 -4.34 -12.10
N LYS A 91 0.94 -5.03 -13.06
CA LYS A 91 0.92 -4.52 -14.42
C LYS A 91 0.10 -3.23 -14.48
N GLU A 92 -1.05 -3.20 -13.80
CA GLU A 92 -1.85 -2.00 -13.75
C GLU A 92 -1.11 -0.87 -13.04
N LEU A 93 -0.43 -1.16 -11.93
CA LEU A 93 0.33 -0.12 -11.25
C LEU A 93 1.41 0.46 -12.12
N ASN A 94 2.01 -0.33 -12.99
CA ASN A 94 3.00 0.19 -13.93
CA ASN A 94 3.01 0.20 -13.91
C ASN A 94 2.39 1.26 -14.80
N GLU A 95 1.14 1.09 -15.18
CA GLU A 95 0.45 2.07 -16.01
C GLU A 95 0.03 3.31 -15.21
N MET A 96 -0.13 3.14 -13.90
N MET A 96 -0.11 3.20 -13.91
CA MET A 96 -0.56 4.22 -13.00
CA MET A 96 -0.53 4.27 -13.04
C MET A 96 0.59 5.09 -12.51
C MET A 96 0.63 5.12 -12.49
N LEU A 97 1.83 4.66 -12.74
N LEU A 97 1.86 4.69 -12.75
CA LEU A 97 2.99 5.43 -12.29
CA LEU A 97 3.04 5.39 -12.30
C LEU A 97 2.94 6.84 -12.83
C LEU A 97 3.01 6.82 -12.85
N ASN A 98 3.47 7.76 -12.05
CA ASN A 98 3.59 9.16 -12.45
C ASN A 98 2.23 9.77 -12.81
N PRO A 99 1.28 9.74 -11.91
CA PRO A 99 -0.02 10.37 -12.17
C PRO A 99 0.08 11.86 -12.44
N LYS A 100 -0.83 12.38 -13.25
CA LYS A 100 -0.81 13.76 -13.67
C LYS A 100 -1.73 14.66 -12.86
N THR A 101 -2.72 14.05 -12.22
CA THR A 101 -3.75 14.78 -11.50
C THR A 101 -3.91 14.16 -10.12
N ALA A 102 -4.46 14.94 -9.20
CA ALA A 102 -4.70 14.48 -7.84
C ALA A 102 -5.63 13.29 -7.83
N LYS A 103 -6.66 13.29 -8.66
CA LYS A 103 -7.58 12.15 -8.75
C LYS A 103 -6.85 10.88 -9.18
N GLU A 104 -5.99 10.99 -10.19
CA GLU A 104 -5.24 9.83 -10.66
C GLU A 104 -4.31 9.29 -9.57
N ALA A 105 -3.71 10.20 -8.80
CA ALA A 105 -2.79 9.85 -7.75
C ALA A 105 -3.49 9.08 -6.61
N ARG A 106 -4.66 9.59 -6.21
CA ARG A 106 -5.44 8.96 -5.15
C ARG A 106 -5.81 7.54 -5.55
N ILE A 107 -6.16 7.37 -6.82
CA ILE A 107 -6.53 6.06 -7.34
C ILE A 107 -5.32 5.13 -7.34
N ALA A 108 -4.18 5.65 -7.77
CA ALA A 108 -2.95 4.87 -7.81
C ALA A 108 -2.53 4.44 -6.42
N ILE A 109 -2.53 5.37 -5.48
CA ILE A 109 -2.13 5.07 -4.13
C ILE A 109 -3.07 4.04 -3.49
N ASN A 110 -4.37 4.21 -3.73
CA ASN A 110 -5.36 3.29 -3.18
C ASN A 110 -5.11 1.88 -3.70
N THR A 111 -4.85 1.78 -5.00
CA THR A 111 -4.57 0.50 -5.62
C THR A 111 -3.29 -0.10 -5.05
N MET A 112 -2.24 0.71 -4.96
CA MET A 112 -1.00 0.28 -4.35
C MET A 112 -1.24 -0.29 -2.95
N ALA A 113 -2.01 0.39 -2.15
CA ALA A 113 -2.24 -0.01 -0.76
C ALA A 113 -2.87 -1.43 -0.66
N ASP A 114 -3.81 -1.72 -1.55
CA ASP A 114 -4.44 -3.04 -1.59
C ASP A 114 -3.39 -4.10 -1.88
N THR A 115 -2.51 -3.82 -2.85
CA THR A 115 -1.45 -4.73 -3.20
C THR A 115 -0.50 -4.99 -2.07
N ALA A 116 -0.19 -3.97 -1.30
CA ALA A 116 0.76 -4.16 -0.19
C ALA A 116 0.18 -5.08 0.87
N LEU A 117 -1.11 -4.95 1.16
CA LEU A 117 -1.73 -5.80 2.16
C LEU A 117 -1.73 -7.24 1.69
N ILE A 118 -2.12 -7.48 0.45
CA ILE A 118 -2.10 -8.85 -0.08
C ILE A 118 -0.68 -9.42 -0.08
N ARG A 119 0.29 -8.63 -0.52
CA ARG A 119 1.68 -9.07 -0.51
C ARG A 119 2.13 -9.42 0.91
N LEU A 120 1.79 -8.56 1.87
CA LEU A 120 2.13 -8.80 3.26
C LEU A 120 1.55 -10.11 3.77
N PHE A 121 0.26 -10.33 3.54
CA PHE A 121 -0.37 -11.54 4.02
C PHE A 121 0.23 -12.77 3.35
N ASN A 122 0.61 -12.65 2.09
CA ASN A 122 1.22 -13.77 1.38
C ASN A 122 2.61 -14.10 1.95
N GLU A 123 3.33 -13.06 2.37
CA GLU A 123 4.69 -13.21 2.93
C GLU A 123 4.64 -13.64 4.40
N GLN A 124 3.58 -13.26 5.10
CA GLN A 124 3.44 -13.53 6.52
C GLN A 124 1.96 -13.60 6.90
N PRO A 125 1.36 -14.79 6.74
CA PRO A 125 -0.07 -14.94 6.98
C PRO A 125 -0.55 -14.47 8.37
N SER A 126 0.33 -14.53 9.38
CA SER A 126 -0.07 -14.09 10.70
C SER A 126 -0.53 -12.63 10.72
N ALA A 127 -0.01 -11.84 9.80
CA ALA A 127 -0.36 -10.42 9.73
C ALA A 127 -1.85 -10.21 9.44
N LYS A 128 -2.48 -11.18 8.78
CA LYS A 128 -3.90 -11.09 8.49
C LYS A 128 -4.72 -11.10 9.77
N LEU A 129 -4.29 -11.92 10.74
CA LEU A 129 -4.99 -12.00 12.02
C LEU A 129 -4.91 -10.67 12.77
N LEU A 130 -3.76 -10.01 12.68
CA LEU A 130 -3.59 -8.69 13.29
C LEU A 130 -4.43 -7.65 12.52
N PHE A 131 -4.46 -7.75 11.20
CA PHE A 131 -5.26 -6.83 10.40
C PHE A 131 -6.74 -6.92 10.75
N ASP A 132 -7.23 -8.11 11.04
CA ASP A 132 -8.60 -8.31 11.39
C ASP A 132 -8.99 -7.47 12.67
N LYS A 133 -8.06 -7.23 13.52
CA LYS A 133 -8.28 -6.44 14.73
C LYS A 133 -7.89 -4.98 14.59
N ALA A 134 -7.46 -4.58 13.42
CA ALA A 134 -7.01 -3.21 13.22
C ALA A 134 -8.09 -2.16 13.11
N TYR A 135 -7.91 -1.11 13.88
CA TYR A 135 -8.73 0.09 13.75
C TYR A 135 -8.43 0.80 12.43
N GLY A 136 -7.16 0.82 12.04
CA GLY A 136 -6.73 1.49 10.83
C GLY A 136 -5.42 0.91 10.37
N TYR A 137 -5.00 1.34 9.18
CA TYR A 137 -3.73 0.92 8.64
C TYR A 137 -3.18 2.05 7.77
N ALA A 138 -1.90 1.97 7.48
CA ALA A 138 -1.26 2.87 6.53
C ALA A 138 -0.29 2.10 5.68
N VAL A 139 -0.14 2.52 4.44
CA VAL A 139 0.74 1.87 3.52
C VAL A 139 1.54 2.93 2.75
N PHE A 140 2.83 2.70 2.57
CA PHE A 140 3.71 3.55 1.79
C PHE A 140 4.50 2.71 0.79
N ASP A 141 4.81 3.30 -0.36
CA ASP A 141 5.57 2.62 -1.42
C ASP A 141 6.57 3.63 -1.97
N SER A 142 7.77 3.18 -2.33
CA SER A 142 8.77 4.08 -2.89
C SER A 142 8.51 4.46 -4.35
N ARG A 143 7.54 3.83 -5.01
CA ARG A 143 7.18 4.19 -6.38
C ARG A 143 6.39 5.48 -6.42
N LYS A 144 6.54 6.22 -7.51
CA LYS A 144 5.90 7.52 -7.63
C LYS A 144 4.43 7.42 -8.02
N PHE A 145 3.58 7.20 -7.02
CA PHE A 145 2.13 7.20 -7.20
C PHE A 145 1.50 8.48 -6.66
N SER A 146 2.30 9.38 -6.08
CA SER A 146 1.86 10.71 -5.70
C SER A 146 2.22 11.70 -6.82
N LEU A 147 1.84 12.96 -6.65
CA LEU A 147 2.12 13.99 -7.63
C LEU A 147 3.61 14.34 -7.63
N MET A 148 4.17 14.39 -6.42
N MET A 148 4.18 14.41 -6.44
CA MET A 148 5.56 14.70 -6.23
CA MET A 148 5.57 14.67 -6.27
C MET A 148 6.14 13.65 -5.32
C MET A 148 6.14 13.64 -5.33
N LEU A 149 7.29 13.22 -5.58
CA LEU A 149 8.06 12.30 -4.76
C LEU A 149 9.52 12.42 -5.12
N HIS A 150 10.32 12.57 -4.08
N HIS A 150 10.40 12.59 -4.17
CA HIS A 150 11.77 12.72 -4.17
CA HIS A 150 11.79 12.51 -4.56
C HIS A 150 12.46 11.39 -3.80
C HIS A 150 12.46 11.37 -3.86
N THR A 151 13.73 11.23 -4.15
CA THR A 151 14.51 10.08 -3.75
C THR A 151 14.39 9.87 -2.25
N ASN A 152 14.20 8.65 -1.87
CA ASN A 152 14.06 8.24 -0.52
C ASN A 152 12.76 8.55 0.20
N GLN A 153 11.80 9.04 -0.57
CA GLN A 153 10.46 9.21 -0.04
C GLN A 153 9.53 8.10 -0.50
N GLY A 154 8.44 7.94 0.23
CA GLY A 154 7.36 7.05 -0.14
C GLY A 154 6.03 7.78 -0.15
N ALA A 155 5.18 7.38 -1.07
CA ALA A 155 3.82 7.89 -1.17
C ALA A 155 2.89 6.88 -0.53
N GLY A 156 1.83 7.33 0.11
CA GLY A 156 0.95 6.40 0.76
C GLY A 156 -0.35 6.98 1.23
N VAL A 157 -1.03 6.17 2.03
CA VAL A 157 -2.36 6.47 2.51
C VAL A 157 -2.59 5.77 3.84
N ALA A 158 -3.32 6.43 4.72
CA ALA A 158 -3.82 5.84 5.95
C ALA A 158 -5.32 5.70 5.83
N VAL A 159 -5.84 4.54 6.19
CA VAL A 159 -7.25 4.21 6.07
C VAL A 159 -7.81 3.89 7.42
N ASN A 160 -8.88 4.60 7.79
CA ASN A 160 -9.59 4.36 9.04
C ASN A 160 -10.62 3.30 8.66
N ARG A 161 -10.52 2.13 9.28
CA ARG A 161 -11.41 1.03 8.92
C ARG A 161 -12.81 1.20 9.48
N LYS A 162 -12.95 2.05 10.49
CA LYS A 162 -14.26 2.27 11.12
C LYS A 162 -15.07 3.34 10.42
N THR A 163 -14.42 4.38 9.91
CA THR A 163 -15.11 5.49 9.26
C THR A 163 -14.94 5.47 7.75
N GLY A 164 -13.97 4.70 7.26
CA GLY A 164 -13.66 4.64 5.84
C GLY A 164 -12.75 5.75 5.35
N LYS A 165 -12.45 6.74 6.14
CA LYS A 165 -11.67 7.84 5.70
C LYS A 165 -10.23 7.53 5.28
N HIS A 166 -9.87 8.03 4.12
CA HIS A 166 -8.50 7.95 3.64
C HIS A 166 -7.78 9.28 3.86
N THR A 167 -6.59 9.22 4.43
CA THR A 167 -5.71 10.36 4.58
C THR A 167 -4.46 10.07 3.77
N TYR A 168 -4.21 10.86 2.74
CA TYR A 168 -3.06 10.67 1.88
C TYR A 168 -1.85 11.28 2.53
N MET A 169 -0.75 10.53 2.50
CA MET A 169 0.45 10.85 3.27
C MET A 169 1.72 10.61 2.47
N LYS A 170 2.73 11.23 2.95
CA LYS A 170 4.11 10.93 2.42
CA LYS A 170 4.12 10.92 2.43
C LYS A 170 5.12 10.62 3.64
N MET A 171 6.16 9.94 3.22
CA MET A 171 7.14 9.47 4.17
CA MET A 171 7.16 9.63 4.21
C MET A 171 8.56 9.77 3.65
N PHE A 172 9.47 10.00 4.58
CA PHE A 172 10.90 9.94 4.30
C PHE A 172 11.36 8.64 4.95
N GLY A 173 11.94 7.75 4.15
CA GLY A 173 12.36 6.44 4.63
C GLY A 173 13.82 6.39 4.95
N ALA A 174 14.14 6.36 6.24
CA ALA A 174 15.53 6.27 6.65
C ALA A 174 16.19 5.01 6.12
N GLY A 175 15.42 3.93 5.97
CA GLY A 175 15.99 2.69 5.45
C GLY A 175 16.30 2.82 3.98
N LEU A 176 15.41 3.48 3.23
CA LEU A 176 15.71 3.75 1.82
C LEU A 176 17.02 4.52 1.70
N ALA A 177 17.19 5.53 2.55
CA ALA A 177 18.39 6.36 2.48
C ALA A 177 19.64 5.59 2.86
N ALA A 178 19.48 4.56 3.69
CA ALA A 178 20.59 3.73 4.15
C ALA A 178 20.94 2.65 3.14
N GLY A 179 20.11 2.45 2.13
CA GLY A 179 20.44 1.54 1.04
C GLY A 179 19.70 0.22 1.00
N ILE A 180 18.57 0.11 1.69
CA ILE A 180 17.78 -1.11 1.61
C ILE A 180 16.52 -0.79 0.82
N GLY A 181 15.92 -1.82 0.25
CA GLY A 181 14.68 -1.66 -0.50
C GLY A 181 14.80 -0.95 -1.85
N GLY A 182 15.99 -0.94 -2.44
CA GLY A 182 16.23 -0.15 -3.63
C GLY A 182 15.42 -0.55 -4.85
N LYS A 183 15.20 -1.86 -5.02
CA LYS A 183 14.45 -2.34 -6.19
C LYS A 183 12.95 -2.29 -5.96
N PHE A 184 12.56 -2.41 -4.71
CA PHE A 184 11.15 -2.49 -4.36
C PHE A 184 11.01 -2.27 -2.86
N TYR A 185 10.05 -1.45 -2.44
CA TYR A 185 9.85 -1.23 -1.02
C TYR A 185 8.43 -0.81 -0.73
N GLN A 186 7.80 -1.55 0.17
CA GLN A 186 6.54 -1.15 0.76
C GLN A 186 6.64 -1.22 2.27
N GLN A 187 5.89 -0.36 2.94
CA GLN A 187 5.79 -0.37 4.39
C GLN A 187 4.31 -0.38 4.73
N VAL A 188 3.92 -1.30 5.60
CA VAL A 188 2.55 -1.42 6.09
C VAL A 188 2.56 -1.23 7.58
N ILE A 189 1.73 -0.30 8.05
CA ILE A 189 1.59 -0.07 9.47
C ILE A 189 0.18 -0.44 9.88
N LEU A 190 0.04 -1.32 10.88
CA LEU A 190 -1.26 -1.69 11.42
C LEU A 190 -1.44 -1.00 12.77
N PHE A 191 -2.65 -0.46 12.98
CA PHE A 191 -2.98 0.22 14.23
C PHE A 191 -4.17 -0.49 14.87
N GLU A 192 -3.92 -1.19 15.97
CA GLU A 192 -4.96 -1.88 16.71
CA GLU A 192 -5.00 -1.88 16.65
C GLU A 192 -5.87 -0.92 17.47
N ASP A 193 -5.31 0.24 17.81
CA ASP A 193 -5.99 1.19 18.68
C ASP A 193 -6.17 2.57 18.08
N LYS A 194 -7.34 3.13 18.34
CA LYS A 194 -7.76 4.40 17.78
C LYS A 194 -6.82 5.56 18.09
N ALA A 195 -6.39 5.69 19.33
CA ALA A 195 -5.63 6.87 19.74
C ALA A 195 -4.38 7.09 18.89
N ARG A 196 -3.58 6.04 18.70
CA ARG A 196 -2.33 6.19 17.97
C ARG A 196 -2.63 6.42 16.49
N PHE A 197 -3.67 5.79 15.96
CA PHE A 197 -4.06 6.05 14.58
C PHE A 197 -4.46 7.51 14.37
N ASP A 198 -5.30 8.02 15.26
CA ASP A 198 -5.77 9.38 15.14
C ASP A 198 -4.60 10.37 15.20
N ALA A 199 -3.64 10.12 16.08
CA ALA A 199 -2.47 10.98 16.17
C ALA A 199 -1.67 10.93 14.85
N PHE A 200 -1.47 9.72 14.32
CA PHE A 200 -0.71 9.54 13.10
C PHE A 200 -1.29 10.34 11.94
N VAL A 201 -2.61 10.29 11.76
CA VAL A 201 -3.23 10.92 10.61
C VAL A 201 -3.51 12.39 10.78
N THR A 202 -3.41 12.91 12.01
CA THR A 202 -3.67 14.33 12.21
CA THR A 202 -3.67 14.31 12.28
C THR A 202 -2.37 15.09 12.41
N GLN A 203 -1.39 14.48 13.05
CA GLN A 203 -0.12 15.13 13.38
C GLN A 203 1.08 14.64 12.56
N GLY A 204 0.91 13.53 11.86
CA GLY A 204 2.06 12.86 11.28
C GLY A 204 2.85 12.16 12.37
N TRP A 205 4.06 11.74 12.04
CA TRP A 205 4.83 10.95 12.97
C TRP A 205 6.29 11.04 12.65
N GLU A 206 7.12 10.91 13.66
CA GLU A 206 8.55 10.76 13.46
C GLU A 206 9.01 9.52 14.20
N ALA A 207 9.77 8.69 13.53
CA ALA A 207 10.33 7.50 14.16
C ALA A 207 11.67 7.87 14.78
N THR A 208 11.78 7.74 16.10
CA THR A 208 13.02 8.10 16.77
C THR A 208 13.72 6.88 17.39
N SER A 209 13.19 5.70 17.13
CA SER A 209 13.82 4.44 17.53
C SER A 209 13.23 3.35 16.66
N GLU A 210 13.55 2.09 16.97
CA GLU A 210 13.00 0.95 16.24
C GLU A 210 11.77 0.37 16.90
N VAL A 211 11.23 1.05 17.90
CA VAL A 211 10.04 0.55 18.57
C VAL A 211 8.90 0.42 17.57
N GLY A 212 8.22 -0.72 17.61
CA GLY A 212 7.10 -0.96 16.72
C GLY A 212 7.44 -1.72 15.46
N VAL A 213 8.73 -1.86 15.15
CA VAL A 213 9.13 -2.50 13.91
C VAL A 213 9.12 -4.00 14.05
N VAL A 214 8.49 -4.66 13.08
CA VAL A 214 8.47 -6.11 12.99
C VAL A 214 9.82 -6.51 12.37
N ALA A 215 10.69 -7.12 13.18
CA ALA A 215 12.10 -7.28 12.85
C ALA A 215 12.60 -8.72 12.99
N GLY A 216 11.68 -9.68 13.00
CA GLY A 216 12.06 -11.09 13.10
C GLY A 216 12.39 -11.60 14.49
N LYS A 217 12.07 -10.85 15.52
CA LYS A 217 12.41 -11.26 16.88
C LYS A 217 11.24 -11.67 17.74
N GLU A 218 10.04 -11.29 17.36
CA GLU A 218 8.87 -11.63 18.15
C GLU A 218 7.60 -11.46 17.36
N SER A 219 6.51 -12.04 17.85
CA SER A 219 5.18 -11.88 17.30
C SER A 219 4.83 -10.41 17.13
N ALA A 220 4.25 -10.05 16.00
CA ALA A 220 3.79 -8.68 15.78
C ALA A 220 2.66 -8.34 16.72
N GLU A 221 1.98 -9.35 17.25
CA GLU A 221 0.93 -9.13 18.23
C GLU A 221 1.52 -8.44 19.47
N LEU A 222 2.68 -8.92 19.92
CA LEU A 222 3.39 -8.37 21.06
C LEU A 222 3.96 -7.01 20.73
N THR A 223 4.53 -6.87 19.53
CA THR A 223 5.06 -5.60 19.08
C THR A 223 3.99 -4.54 19.22
N ALA A 224 2.79 -4.85 18.74
CA ALA A 224 1.69 -3.90 18.78
C ALA A 224 1.25 -3.64 20.22
N LYS A 225 1.14 -4.69 21.02
CA LYS A 225 0.64 -4.55 22.38
C LYS A 225 1.44 -3.54 23.18
N TYR A 226 2.72 -3.58 23.04
CA TYR A 226 3.60 -2.71 23.77
C TYR A 226 3.98 -1.41 23.08
N ASN A 227 3.34 -1.12 21.96
CA ASN A 227 3.57 0.08 21.17
C ASN A 227 2.29 0.85 20.87
N GLY A 228 1.33 0.85 21.79
CA GLY A 228 0.09 1.58 21.58
C GLY A 228 -0.72 1.03 20.43
N GLY A 229 -0.57 -0.27 20.15
CA GLY A 229 -1.33 -0.92 19.10
C GLY A 229 -0.70 -0.89 17.71
N MET A 230 0.47 -0.26 17.59
CA MET A 230 1.08 0.03 16.29
C MET A 230 2.20 -0.94 15.95
N ALA A 231 2.10 -1.61 14.79
CA ALA A 231 3.15 -2.51 14.29
C ALA A 231 3.50 -2.14 12.85
N ILE A 232 4.80 -2.10 12.57
CA ILE A 232 5.33 -1.64 11.29
C ILE A 232 6.03 -2.80 10.57
N TYR A 233 5.52 -3.16 9.38
CA TYR A 233 6.11 -4.18 8.53
C TYR A 233 6.80 -3.53 7.34
N GLN A 234 7.92 -4.10 6.94
CA GLN A 234 8.68 -3.67 5.78
C GLN A 234 8.75 -4.82 4.82
N ILE A 235 8.38 -4.54 3.57
N ILE A 235 8.44 -4.53 3.55
CA ILE A 235 8.04 -5.55 2.62
CA ILE A 235 8.18 -5.52 2.52
C ILE A 235 8.96 -5.45 1.43
C ILE A 235 9.10 -5.27 1.32
N GLY A 236 9.58 -6.57 1.10
N GLY A 236 9.75 -6.34 0.91
CA GLY A 236 10.30 -6.67 -0.14
CA GLY A 236 10.70 -6.21 -0.18
C GLY A 236 9.53 -7.49 -1.15
C GLY A 236 10.90 -6.90 -1.56
N GLU A 237 10.14 -7.72 -2.30
N GLU A 237 9.85 -7.61 -1.93
CA GLU A 237 9.46 -8.46 -3.36
CA GLU A 237 9.49 -8.39 -3.19
C GLU A 237 9.30 -9.93 -3.01
C GLU A 237 9.28 -9.90 -2.92
N LYS A 238 10.19 -10.47 -2.17
CA LYS A 238 10.24 -11.92 -2.00
C LYS A 238 9.97 -12.29 -0.56
N GLY A 239 9.94 -11.28 0.30
CA GLY A 239 9.69 -11.52 1.70
C GLY A 239 9.84 -10.25 2.51
N LEU A 240 9.58 -10.38 3.79
CA LEU A 240 9.73 -9.25 4.70
C LEU A 240 11.18 -8.83 4.81
N LEU A 241 11.39 -7.54 4.93
CA LEU A 241 12.69 -6.99 5.25
C LEU A 241 12.77 -6.92 6.75
N LEU A 242 13.71 -7.66 7.32
CA LEU A 242 13.74 -7.83 8.76
C LEU A 242 14.87 -7.09 9.45
N ASP A 243 15.84 -6.67 8.69
CA ASP A 243 16.91 -5.87 9.26
C ASP A 243 17.04 -4.56 8.53
N ALA A 244 16.11 -3.67 8.80
CA ALA A 244 16.05 -2.37 8.16
C ALA A 244 15.60 -1.34 9.18
N ASN A 245 16.55 -0.63 9.77
CA ASN A 245 16.21 0.37 10.77
C ASN A 245 15.39 1.51 10.18
N ILE A 246 14.36 1.93 10.91
CA ILE A 246 13.52 3.04 10.45
C ILE A 246 13.79 4.33 11.19
N SER A 247 14.63 4.30 12.22
CA SER A 247 14.86 5.50 13.03
C SER A 247 15.31 6.65 12.13
N GLY A 248 14.69 7.80 12.32
CA GLY A 248 14.93 8.96 11.49
C GLY A 248 13.84 9.21 10.45
N SER A 249 12.99 8.22 10.24
CA SER A 249 11.91 8.37 9.26
C SER A 249 10.87 9.39 9.72
N LYS A 250 10.18 9.98 8.76
CA LYS A 250 9.14 10.96 9.03
C LYS A 250 7.96 10.69 8.15
N TYR A 251 6.78 11.04 8.64
CA TYR A 251 5.51 10.76 7.98
C TYR A 251 4.65 12.00 8.12
N TRP A 252 4.04 12.47 7.03
CA TRP A 252 3.24 13.68 7.08
C TRP A 252 2.07 13.60 6.10
N ILE A 253 1.09 14.47 6.30
CA ILE A 253 -0.07 14.54 5.43
C ILE A 253 0.32 15.18 4.12
N ASP A 254 -0.07 14.55 3.02
CA ASP A 254 0.20 15.08 1.69
C ASP A 254 -0.89 16.09 1.35
N LYS A 255 -0.57 17.37 1.47
CA LYS A 255 -1.60 18.38 1.32
C LYS A 255 -2.07 18.59 -0.11
N ASP A 256 -1.32 18.06 -1.07
CA ASP A 256 -1.74 18.16 -2.46
C ASP A 256 -2.79 17.11 -2.82
N LEU A 257 -3.21 16.22 -1.94
N LEU A 257 -2.80 16.04 -2.04
CA LEU A 257 -3.94 15.02 -2.35
CA LEU A 257 -3.99 15.22 -1.89
C LEU A 257 -5.16 14.80 -1.47
C LEU A 257 -4.69 15.51 -0.57
N THR A 258 -4.97 14.99 -0.15
N THR A 258 -5.43 14.52 -0.07
CA THR A 258 -6.06 14.81 0.80
CA THR A 258 -6.15 14.66 1.18
C THR A 258 -7.02 15.99 0.75
C THR A 258 -7.05 15.90 1.15
N GLU A 259 -8.33 15.71 0.80
CA GLU A 259 -9.45 16.73 0.95
C GLU A 259 -10.11 16.73 2.32
C1 CIT B . 4.94 -12.34 13.22
O1 CIT B . 4.02 -11.93 13.91
O2 CIT B . 4.80 -13.31 12.42
C2 CIT B . 6.29 -11.67 13.43
C3 CIT B . 7.51 -12.32 12.83
O7 CIT B . 7.64 -13.70 13.19
C4 CIT B . 7.47 -12.19 11.31
C5 CIT B . 8.58 -12.95 10.63
O3 CIT B . 8.36 -13.58 9.60
O4 CIT B . 9.72 -12.93 11.12
C6 CIT B . 8.75 -11.73 13.43
O5 CIT B . 9.05 -10.58 13.34
O6 CIT B . 9.42 -12.53 14.11
H21 CIT B . 6.46 -11.58 14.50
H22 CIT B . 6.21 -10.67 13.06
HO7 CIT B . 7.52 -13.79 14.12
H41 CIT B . 6.51 -12.56 10.95
H42 CIT B . 7.54 -11.15 11.01
C1 CIT C . 11.57 -16.04 16.88
O1 CIT C . 11.46 -15.47 17.99
O2 CIT C . 11.90 -17.23 16.77
C2 CIT C . 11.26 -15.27 15.61
C3 CIT C . 9.86 -15.60 15.13
O7 CIT C . 9.64 -14.91 13.90
C4 CIT C . 9.65 -17.11 15.00
C5 CIT C . 8.30 -17.52 14.50
O3 CIT C . 7.32 -16.82 14.79
O4 CIT C . 8.26 -18.57 13.85
C6 CIT C . 8.92 -14.96 16.06
O5 CIT C . 8.32 -14.01 15.62
O6 CIT C . 8.78 -15.36 17.19
H21 CIT C . 11.34 -14.20 15.80
H22 CIT C . 11.99 -15.53 14.84
HO7 CIT C . 9.87 -15.48 13.17
H41 CIT C . 9.79 -17.58 15.97
H42 CIT C . 10.39 -17.52 14.32
#